data_4HH6
#
_entry.id   4HH6
#
_cell.length_a   40.920
_cell.length_b   46.850
_cell.length_c   75.530
_cell.angle_alpha   90.00
_cell.angle_beta   90.00
_cell.angle_gamma   90.00
#
_symmetry.space_group_name_H-M   'P 21 21 21'
#
loop_
_entity.id
_entity.type
_entity.pdbx_description
1 polymer 'Putative type VI secretion protein'
2 polymer 'Peptide from EAEC T6SS Sci1 SciI protein'
3 water water
#
loop_
_entity_poly.entity_id
_entity_poly.type
_entity_poly.pdbx_seq_one_letter_code
_entity_poly.pdbx_strand_id
1 'polypeptide(L)'
;GVNNMENSAALLRRLNHYCARALEGAASLCQTRAHAEITPEHWLLKLLEQGEGDLTVLGRRYDWDMDAIWQSLLGWLDNQ
PRSVRSRPQLAQSLNALLKQAWMVASLQGEEHIRSVHLLGALTENPHLVRCDGLWPLLTLSQSQLQRLSPLLDAQSDECP
ETL
;
A
2 'polypeptide(L)' KKWDSVYASLFEKINLKK Z
#
# COMPACT_ATOMS: atom_id res chain seq x y z
N GLU A 6 10.79 -13.96 6.62
CA GLU A 6 9.91 -12.82 6.38
C GLU A 6 8.61 -12.93 7.22
N ASN A 7 7.59 -13.73 6.83
CA ASN A 7 7.43 -14.43 5.55
C ASN A 7 6.11 -13.97 4.92
N SER A 8 6.09 -13.87 3.59
CA SER A 8 5.02 -13.30 2.78
C SER A 8 3.58 -13.49 3.24
N ALA A 9 3.13 -14.75 3.41
CA ALA A 9 1.77 -15.07 3.89
C ALA A 9 1.44 -14.59 5.31
N ALA A 10 2.42 -14.65 6.22
CA ALA A 10 2.30 -14.17 7.59
C ALA A 10 2.15 -12.65 7.67
N LEU A 11 2.83 -11.92 6.77
CA LEU A 11 2.74 -10.45 6.64
C LEU A 11 1.36 -10.01 6.18
N LEU A 12 0.78 -10.71 5.18
CA LEU A 12 -0.51 -10.39 4.59
C LEU A 12 -1.64 -10.45 5.59
N ARG A 13 -1.60 -11.40 6.52
CA ARG A 13 -2.62 -11.52 7.55
C ARG A 13 -2.48 -10.45 8.62
N ARG A 14 -1.36 -9.71 8.60
CA ARG A 14 -1.09 -8.59 9.50
C ARG A 14 -1.63 -7.28 8.91
N LEU A 15 -2.12 -7.30 7.66
CA LEU A 15 -2.71 -6.12 7.02
C LEU A 15 -4.08 -5.87 7.59
N ASN A 16 -4.51 -4.60 7.62
CA ASN A 16 -5.86 -4.27 8.07
C ASN A 16 -6.82 -4.49 6.88
N HIS A 17 -8.14 -4.36 7.11
CA HIS A 17 -9.15 -4.57 6.07
C HIS A 17 -8.96 -3.68 4.84
N TYR A 18 -8.64 -2.39 5.06
CA TYR A 18 -8.40 -1.38 4.04
C TYR A 18 -7.26 -1.77 3.08
N CYS A 19 -6.04 -2.01 3.63
CA CYS A 19 -4.84 -2.37 2.87
C CYS A 19 -4.96 -3.73 2.17
N ALA A 20 -5.63 -4.71 2.81
CA ALA A 20 -5.86 -6.06 2.25
C ALA A 20 -6.79 -5.99 1.04
N ARG A 21 -7.82 -5.11 1.09
CA ARG A 21 -8.78 -4.89 0.01
C ARG A 21 -8.07 -4.24 -1.18
N ALA A 22 -7.20 -3.24 -0.91
CA ALA A 22 -6.41 -2.53 -1.91
C ALA A 22 -5.43 -3.46 -2.61
N LEU A 23 -4.84 -4.43 -1.88
CA LEU A 23 -3.92 -5.40 -2.47
C LEU A 23 -4.69 -6.44 -3.32
N GLU A 24 -5.90 -6.82 -2.88
CA GLU A 24 -6.79 -7.75 -3.59
C GLU A 24 -7.22 -7.12 -4.93
N GLY A 25 -7.56 -5.82 -4.88
CA GLY A 25 -7.92 -5.03 -6.06
C GLY A 25 -6.73 -4.80 -6.98
N ALA A 26 -5.51 -4.74 -6.39
CA ALA A 26 -4.26 -4.60 -7.12
C ALA A 26 -3.95 -5.91 -7.83
N ALA A 27 -4.23 -7.05 -7.15
CA ALA A 27 -4.05 -8.42 -7.68
C ALA A 27 -4.99 -8.65 -8.84
N SER A 28 -6.27 -8.23 -8.69
CA SER A 28 -7.32 -8.31 -9.71
C SER A 28 -6.90 -7.56 -10.97
N LEU A 29 -6.34 -6.34 -10.79
CA LEU A 29 -5.85 -5.50 -11.86
C LEU A 29 -4.67 -6.13 -12.60
N CYS A 30 -3.72 -6.71 -11.85
CA CYS A 30 -2.56 -7.40 -12.42
C CYS A 30 -3.06 -8.56 -13.26
N GLN A 31 -4.02 -9.33 -12.72
CA GLN A 31 -4.62 -10.49 -13.39
C GLN A 31 -5.22 -10.11 -14.75
N THR A 32 -5.92 -8.96 -14.82
CA THR A 32 -6.52 -8.45 -16.05
C THR A 32 -5.51 -7.81 -17.02
N ARG A 33 -4.57 -7.02 -16.48
CA ARG A 33 -3.51 -6.36 -17.24
C ARG A 33 -2.39 -7.31 -17.59
N ALA A 34 -2.10 -8.26 -16.69
CA ALA A 34 -1.19 -9.38 -16.88
C ALA A 34 0.23 -9.05 -17.30
N HIS A 35 1.11 -8.41 -16.51
CA HIS A 35 1.21 -7.99 -15.12
C HIS A 35 1.59 -9.13 -14.17
N ALA A 36 2.85 -9.49 -14.29
CA ALA A 36 3.58 -10.59 -13.67
C ALA A 36 3.59 -10.53 -12.16
N GLU A 37 3.85 -9.35 -11.61
CA GLU A 37 3.93 -9.16 -10.17
C GLU A 37 3.17 -7.95 -9.71
N ILE A 38 2.76 -7.94 -8.43
CA ILE A 38 2.10 -6.80 -7.82
C ILE A 38 3.25 -5.94 -7.27
N THR A 39 3.35 -4.69 -7.74
CA THR A 39 4.39 -3.76 -7.31
C THR A 39 3.79 -2.81 -6.23
N PRO A 40 4.60 -2.06 -5.42
CA PRO A 40 3.99 -1.14 -4.45
C PRO A 40 3.07 -0.11 -5.11
N GLU A 41 3.42 0.31 -6.33
CA GLU A 41 2.67 1.26 -7.18
C GLU A 41 1.30 0.73 -7.56
N HIS A 42 1.17 -0.59 -7.79
CA HIS A 42 -0.10 -1.26 -8.08
C HIS A 42 -0.99 -1.11 -6.85
N TRP A 43 -0.40 -1.34 -5.66
CA TRP A 43 -1.03 -1.26 -4.35
C TRP A 43 -1.36 0.19 -3.97
N LEU A 44 -0.37 1.11 -4.11
CA LEU A 44 -0.52 2.54 -3.81
C LEU A 44 -1.64 3.15 -4.64
N LEU A 45 -1.77 2.71 -5.91
CA LEU A 45 -2.82 3.13 -6.82
C LEU A 45 -4.19 2.82 -6.22
N LYS A 46 -4.40 1.57 -5.78
CA LYS A 46 -5.66 1.11 -5.17
C LYS A 46 -5.93 1.73 -3.81
N LEU A 47 -4.85 2.02 -3.03
CA LEU A 47 -4.96 2.66 -1.72
C LEU A 47 -5.53 4.08 -1.85
N LEU A 48 -5.08 4.82 -2.87
CA LEU A 48 -5.54 6.18 -3.19
C LEU A 48 -6.93 6.11 -3.82
N GLU A 49 -7.11 5.14 -4.73
CA GLU A 49 -8.34 4.85 -5.47
C GLU A 49 -9.51 4.54 -4.59
N GLN A 50 -9.23 3.92 -3.46
CA GLN A 50 -10.20 3.50 -2.49
C GLN A 50 -10.80 4.64 -1.75
N GLY A 51 -10.05 5.28 -0.86
CA GLY A 51 -10.85 6.16 -0.01
C GLY A 51 -10.26 7.50 0.33
N GLU A 52 -10.52 7.72 1.60
CA GLU A 52 -10.07 8.64 2.57
C GLU A 52 -9.40 7.73 3.61
N GLY A 53 -8.31 7.15 3.15
CA GLY A 53 -7.39 6.34 3.89
C GLY A 53 -6.32 7.29 4.39
N ASP A 54 -5.36 6.77 5.18
CA ASP A 54 -4.29 7.58 5.76
C ASP A 54 -3.56 8.48 4.77
N LEU A 55 -3.29 7.96 3.56
CA LEU A 55 -2.61 8.69 2.48
C LEU A 55 -3.44 9.87 1.98
N THR A 56 -4.78 9.69 1.92
CA THR A 56 -5.71 10.71 1.48
C THR A 56 -5.80 11.84 2.53
N VAL A 57 -5.84 11.46 3.83
CA VAL A 57 -5.88 12.36 4.99
C VAL A 57 -4.58 13.17 5.08
N LEU A 58 -3.40 12.50 4.94
CA LEU A 58 -2.10 13.14 4.95
C LEU A 58 -1.94 14.04 3.72
N GLY A 59 -2.49 13.56 2.59
CA GLY A 59 -2.49 14.28 1.33
C GLY A 59 -3.15 15.64 1.44
N ARG A 60 -4.32 15.68 2.07
CA ARG A 60 -5.15 16.87 2.30
C ARG A 60 -4.45 17.88 3.22
N ARG A 61 -4.12 17.48 4.48
CA ARG A 61 -3.47 18.31 5.50
C ARG A 61 -2.06 18.81 5.08
N TYR A 62 -1.47 18.17 4.08
CA TYR A 62 -0.17 18.58 3.53
C TYR A 62 -0.28 19.08 2.10
N ASP A 63 -1.50 19.02 1.54
CA ASP A 63 -1.86 19.51 0.22
C ASP A 63 -1.02 18.85 -0.89
N TRP A 64 -1.35 17.60 -1.24
CA TRP A 64 -0.65 16.93 -2.34
C TRP A 64 -1.56 16.91 -3.53
N ASP A 65 -0.97 17.04 -4.73
CA ASP A 65 -1.71 17.01 -5.98
C ASP A 65 -2.04 15.54 -6.21
N MET A 66 -3.06 15.03 -5.49
CA MET A 66 -3.52 13.64 -5.53
C MET A 66 -3.83 13.19 -6.95
N ASP A 67 -4.26 14.13 -7.81
CA ASP A 67 -4.54 13.92 -9.23
C ASP A 67 -3.24 13.55 -9.95
N ALA A 68 -2.18 14.38 -9.78
CA ALA A 68 -0.86 14.15 -10.39
C ALA A 68 -0.29 12.79 -9.99
N ILE A 69 -0.28 12.46 -8.66
CA ILE A 69 0.20 11.17 -8.11
C ILE A 69 -0.56 10.03 -8.78
N TRP A 70 -1.90 10.10 -8.73
CA TRP A 70 -2.84 9.15 -9.33
C TRP A 70 -2.55 8.97 -10.82
N GLN A 71 -2.40 10.10 -11.54
CA GLN A 71 -2.09 10.14 -12.97
C GLN A 71 -0.70 9.56 -13.22
N SER A 72 0.29 9.93 -12.37
CA SER A 72 1.67 9.45 -12.47
C SER A 72 1.74 7.94 -12.32
N LEU A 73 1.04 7.39 -11.29
CA LEU A 73 0.97 5.94 -11.03
C LEU A 73 0.43 5.20 -12.25
N LEU A 74 -0.73 5.65 -12.79
CA LEU A 74 -1.37 5.07 -13.97
C LEU A 74 -0.47 5.03 -15.21
N GLY A 75 0.34 6.07 -15.39
CA GLY A 75 1.29 6.17 -16.49
C GLY A 75 2.45 5.20 -16.37
N TRP A 76 2.93 4.97 -15.12
CA TRP A 76 4.01 4.03 -14.79
C TRP A 76 3.51 2.60 -15.01
N LEU A 77 2.31 2.26 -14.47
CA LEU A 77 1.64 0.96 -14.60
C LEU A 77 1.41 0.60 -16.08
N ASP A 78 1.35 1.62 -16.96
CA ASP A 78 1.20 1.46 -18.41
C ASP A 78 2.49 0.94 -19.06
N ASN A 79 3.66 1.28 -18.48
CA ASN A 79 4.96 0.83 -18.95
C ASN A 79 5.43 -0.45 -18.23
N GLN A 80 4.46 -1.21 -17.70
CA GLN A 80 4.72 -2.47 -17.02
C GLN A 80 4.61 -3.64 -17.98
N PRO A 81 5.67 -4.48 -18.02
CA PRO A 81 5.66 -5.62 -18.95
C PRO A 81 4.44 -6.51 -18.78
N ARG A 82 3.83 -6.86 -19.91
CA ARG A 82 2.65 -7.68 -20.04
C ARG A 82 3.10 -9.03 -20.50
N SER A 83 2.50 -10.08 -19.96
CA SER A 83 2.84 -11.42 -20.40
C SER A 83 1.58 -12.21 -20.69
N VAL A 84 1.10 -12.93 -19.68
CA VAL A 84 -0.08 -13.77 -19.74
C VAL A 84 -0.97 -13.37 -18.58
N ARG A 85 -2.28 -13.25 -18.84
CA ARG A 85 -3.27 -12.90 -17.83
C ARG A 85 -3.51 -14.12 -16.97
N SER A 86 -2.62 -14.38 -16.00
CA SER A 86 -2.80 -15.54 -15.12
C SER A 86 -3.22 -15.21 -13.69
N ARG A 87 -2.26 -15.23 -12.75
CA ARG A 87 -2.46 -14.96 -11.33
C ARG A 87 -1.10 -14.52 -10.79
N PRO A 88 -0.98 -13.35 -10.16
CA PRO A 88 0.36 -12.82 -9.84
C PRO A 88 1.08 -13.08 -8.52
N GLN A 89 2.40 -13.01 -8.65
CA GLN A 89 3.36 -13.10 -7.55
C GLN A 89 3.54 -11.71 -6.95
N LEU A 90 4.09 -11.65 -5.73
CA LEU A 90 4.41 -10.40 -5.06
C LEU A 90 5.83 -10.05 -5.49
N ALA A 91 6.04 -8.79 -5.92
CA ALA A 91 7.36 -8.31 -6.34
C ALA A 91 8.31 -8.28 -5.13
N GLN A 92 9.63 -8.30 -5.38
CA GLN A 92 10.65 -8.24 -4.32
C GLN A 92 10.51 -6.94 -3.52
N SER A 93 10.20 -5.83 -4.23
CA SER A 93 9.99 -4.49 -3.66
C SER A 93 8.76 -4.44 -2.75
N LEU A 94 7.66 -5.12 -3.14
CA LEU A 94 6.44 -5.19 -2.35
C LEU A 94 6.66 -6.09 -1.13
N ASN A 95 7.35 -7.23 -1.33
CA ASN A 95 7.69 -8.19 -0.29
C ASN A 95 8.54 -7.52 0.79
N ALA A 96 9.51 -6.67 0.37
CA ALA A 96 10.38 -5.92 1.26
C ALA A 96 9.59 -4.82 1.98
N LEU A 97 8.67 -4.14 1.27
CA LEU A 97 7.79 -3.09 1.82
C LEU A 97 6.88 -3.68 2.90
N LEU A 98 6.37 -4.90 2.67
CA LEU A 98 5.53 -5.68 3.57
C LEU A 98 6.25 -5.97 4.89
N LYS A 99 7.55 -6.31 4.82
CA LYS A 99 8.38 -6.60 5.97
C LYS A 99 8.76 -5.33 6.75
N GLN A 100 9.09 -4.24 6.04
CA GLN A 100 9.45 -2.97 6.68
C GLN A 100 8.24 -2.28 7.31
N ALA A 101 7.06 -2.33 6.64
CA ALA A 101 5.81 -1.76 7.16
C ALA A 101 5.36 -2.51 8.41
N TRP A 102 5.60 -3.84 8.46
CA TRP A 102 5.27 -4.64 9.63
C TRP A 102 6.18 -4.27 10.80
N MET A 103 7.48 -4.01 10.51
CA MET A 103 8.47 -3.57 11.48
C MET A 103 8.06 -2.20 12.06
N VAL A 104 7.52 -1.30 11.20
CA VAL A 104 7.03 0.02 11.60
C VAL A 104 5.77 -0.12 12.47
N ALA A 105 4.79 -0.94 12.01
CA ALA A 105 3.53 -1.19 12.71
C ALA A 105 3.72 -1.83 14.09
N SER A 106 4.45 -2.97 14.14
CA SER A 106 4.74 -3.72 15.37
C SER A 106 5.40 -2.86 16.44
N LEU A 107 6.43 -2.06 16.08
CA LEU A 107 7.13 -1.16 17.00
C LEU A 107 6.21 -0.09 17.61
N GLN A 108 5.16 0.30 16.89
CA GLN A 108 4.17 1.28 17.35
C GLN A 108 3.09 0.66 18.24
N GLY A 109 3.23 -0.64 18.53
CA GLY A 109 2.31 -1.42 19.35
C GLY A 109 1.01 -1.75 18.67
N GLU A 110 1.01 -1.75 17.32
CA GLU A 110 -0.15 -2.03 16.49
C GLU A 110 -0.29 -3.52 16.22
N GLU A 111 -1.51 -3.94 15.85
CA GLU A 111 -1.84 -5.32 15.51
C GLU A 111 -1.88 -5.48 13.99
N HIS A 112 -2.26 -4.39 13.30
CA HIS A 112 -2.38 -4.38 11.85
C HIS A 112 -1.59 -3.28 11.18
N ILE A 113 -1.21 -3.51 9.92
CA ILE A 113 -0.47 -2.56 9.09
C ILE A 113 -1.49 -1.67 8.39
N ARG A 114 -1.37 -0.36 8.60
CA ARG A 114 -2.21 0.61 7.91
C ARG A 114 -1.36 1.34 6.87
N SER A 115 -1.99 2.10 5.94
CA SER A 115 -1.28 2.79 4.87
C SER A 115 -0.20 3.78 5.30
N VAL A 116 -0.29 4.29 6.56
CA VAL A 116 0.70 5.20 7.14
C VAL A 116 1.98 4.44 7.53
N HIS A 117 1.85 3.14 7.86
CA HIS A 117 2.98 2.27 8.20
C HIS A 117 3.75 1.91 6.92
N LEU A 118 3.02 1.77 5.79
CA LEU A 118 3.59 1.53 4.46
C LEU A 118 4.33 2.79 4.04
N LEU A 119 3.75 3.97 4.37
CA LEU A 119 4.33 5.28 4.09
C LEU A 119 5.59 5.51 4.93
N GLY A 120 5.58 5.03 6.18
CA GLY A 120 6.70 5.10 7.10
C GLY A 120 7.86 4.24 6.62
N ALA A 121 7.54 3.06 6.05
CA ALA A 121 8.51 2.12 5.49
C ALA A 121 9.11 2.70 4.21
N LEU A 122 8.25 3.25 3.33
CA LEU A 122 8.60 3.87 2.06
C LEU A 122 9.42 5.14 2.24
N THR A 123 9.26 5.83 3.40
CA THR A 123 10.00 7.05 3.72
C THR A 123 11.49 6.82 3.98
N GLU A 124 11.83 5.71 4.65
CA GLU A 124 13.20 5.32 4.96
C GLU A 124 13.75 4.36 3.90
N ASN A 125 12.89 3.97 2.93
CA ASN A 125 13.22 3.09 1.81
C ASN A 125 12.61 3.67 0.50
N PRO A 126 13.00 4.88 0.03
CA PRO A 126 12.38 5.42 -1.20
C PRO A 126 12.75 4.71 -2.51
N HIS A 127 13.63 3.70 -2.43
CA HIS A 127 14.06 2.89 -3.59
C HIS A 127 13.05 1.79 -3.93
N LEU A 128 12.17 1.42 -2.97
CA LEU A 128 11.13 0.39 -3.15
C LEU A 128 10.10 0.78 -4.19
N VAL A 129 9.95 2.09 -4.42
CA VAL A 129 9.08 2.66 -5.44
C VAL A 129 9.97 3.23 -6.56
N ARG A 130 9.54 3.06 -7.81
CA ARG A 130 10.30 3.54 -8.97
C ARG A 130 9.63 4.77 -9.58
N CYS A 131 8.27 4.83 -9.56
CA CYS A 131 7.46 5.93 -10.09
C CYS A 131 7.85 7.27 -9.47
N ASP A 132 8.26 8.22 -10.33
CA ASP A 132 8.73 9.55 -9.98
C ASP A 132 7.70 10.42 -9.26
N GLY A 133 6.43 10.30 -9.65
CA GLY A 133 5.33 11.09 -9.08
C GLY A 133 4.97 10.81 -7.63
N LEU A 134 5.67 9.86 -6.99
CA LEU A 134 5.46 9.49 -5.60
C LEU A 134 6.28 10.35 -4.63
N TRP A 135 7.08 11.29 -5.16
CA TRP A 135 7.89 12.22 -4.35
C TRP A 135 7.14 12.95 -3.22
N PRO A 136 5.84 13.37 -3.33
CA PRO A 136 5.18 14.02 -2.17
C PRO A 136 4.98 13.07 -0.99
N LEU A 137 4.85 11.75 -1.28
CA LEU A 137 4.70 10.69 -0.29
C LEU A 137 6.02 10.52 0.49
N LEU A 138 7.15 10.84 -0.17
CA LEU A 138 8.51 10.71 0.36
C LEU A 138 9.04 11.99 1.03
N THR A 139 8.21 13.04 1.15
CA THR A 139 8.58 14.29 1.81
C THR A 139 8.44 14.16 3.33
N LEU A 140 7.63 13.20 3.78
CA LEU A 140 7.40 13.00 5.20
C LEU A 140 8.43 12.10 5.84
N SER A 141 8.61 12.27 7.16
CA SER A 141 9.49 11.43 7.97
C SER A 141 8.57 10.68 8.93
N GLN A 142 9.00 9.53 9.44
CA GLN A 142 8.18 8.72 10.33
C GLN A 142 8.02 9.29 11.74
N SER A 143 8.93 10.21 12.16
CA SER A 143 8.82 10.90 13.45
C SER A 143 7.60 11.84 13.35
N GLN A 144 7.41 12.45 12.16
CA GLN A 144 6.29 13.32 11.80
C GLN A 144 4.99 12.52 11.74
N LEU A 145 4.97 11.38 10.99
CA LEU A 145 3.80 10.50 10.82
C LEU A 145 3.34 9.89 12.13
N GLN A 146 4.27 9.74 13.09
CA GLN A 146 4.03 9.23 14.44
C GLN A 146 3.21 10.25 15.24
N ARG A 147 3.52 11.55 15.07
CA ARG A 147 2.84 12.66 15.75
C ARG A 147 1.45 12.89 15.19
N LEU A 148 1.24 12.60 13.89
CA LEU A 148 -0.03 12.79 13.16
C LEU A 148 -1.10 11.72 13.39
N SER A 149 -0.83 10.72 14.27
CA SER A 149 -1.78 9.65 14.58
C SER A 149 -3.16 10.11 15.12
N PRO A 150 -3.30 11.17 15.99
CA PRO A 150 -4.64 11.59 16.42
C PRO A 150 -5.49 12.16 15.30
N LEU A 151 -4.84 12.84 14.33
CA LEU A 151 -5.48 13.44 13.16
C LEU A 151 -5.98 12.34 12.20
N LEU A 152 -5.18 11.28 12.00
CA LEU A 152 -5.50 10.15 11.13
C LEU A 152 -6.70 9.35 11.62
N ASP A 153 -6.84 9.18 12.96
CA ASP A 153 -7.97 8.46 13.56
C ASP A 153 -9.27 9.28 13.48
N ALA A 154 -9.15 10.60 13.26
CA ALA A 154 -10.27 11.54 13.19
C ALA A 154 -10.86 11.72 11.79
N GLN A 155 -10.11 11.36 10.72
CA GLN A 155 -10.56 11.58 9.34
C GLN A 155 -10.44 10.36 8.41
N SER A 156 -9.58 9.38 8.75
CA SER A 156 -9.33 8.21 7.91
C SER A 156 -10.25 7.02 8.08
N ASP A 157 -10.58 6.36 6.95
CA ASP A 157 -11.39 5.14 6.82
C ASP A 157 -10.66 3.98 7.46
N GLU A 158 -9.34 4.11 7.64
CA GLU A 158 -8.47 3.13 8.28
C GLU A 158 -8.76 3.06 9.79
N CYS A 159 -9.88 3.66 10.19
CA CYS A 159 -10.45 3.84 11.49
C CYS A 159 -10.69 2.56 12.24
N PRO A 160 -10.03 2.28 13.38
CA PRO A 160 -10.57 1.18 14.18
C PRO A 160 -11.89 1.69 14.78
N GLU A 161 -12.79 0.74 14.98
CA GLU A 161 -14.20 0.74 15.30
C GLU A 161 -14.99 1.84 16.04
N THR A 162 -14.79 1.95 17.35
CA THR A 162 -15.72 2.54 18.29
C THR A 162 -15.43 3.97 18.81
N TRP B 3 -9.11 -14.92 10.65
CA TRP B 3 -9.93 -15.81 9.83
C TRP B 3 -10.98 -15.01 9.03
N ASP B 4 -10.56 -13.92 8.37
CA ASP B 4 -11.49 -13.09 7.61
C ASP B 4 -11.91 -13.66 6.26
N SER B 5 -13.17 -13.38 5.91
CA SER B 5 -13.82 -13.74 4.66
C SER B 5 -13.07 -13.05 3.51
N VAL B 6 -12.42 -11.90 3.81
CA VAL B 6 -11.69 -11.03 2.90
C VAL B 6 -10.18 -11.32 2.76
N TYR B 7 -9.53 -11.92 3.80
CA TYR B 7 -8.11 -12.27 3.71
C TYR B 7 -7.93 -13.42 2.73
N ALA B 8 -8.90 -14.36 2.72
CA ALA B 8 -8.94 -15.53 1.84
C ALA B 8 -9.03 -15.11 0.38
N SER B 9 -9.91 -14.13 0.07
CA SER B 9 -10.13 -13.58 -1.28
C SER B 9 -8.85 -12.99 -1.86
N LEU B 10 -8.02 -12.38 -0.99
CA LEU B 10 -6.71 -11.82 -1.33
C LEU B 10 -5.73 -12.98 -1.60
N PHE B 11 -5.72 -13.99 -0.70
CA PHE B 11 -4.84 -15.17 -0.79
C PHE B 11 -5.01 -15.96 -2.04
N GLU B 12 -6.21 -15.89 -2.61
CA GLU B 12 -6.56 -16.52 -3.88
C GLU B 12 -5.49 -16.29 -4.92
N LYS B 13 -4.52 -15.36 -4.67
CA LYS B 13 -3.55 -14.93 -5.64
C LYS B 13 -2.03 -15.04 -5.37
N ILE B 14 -1.52 -16.20 -5.73
CA ILE B 14 -0.20 -16.67 -6.15
C ILE B 14 1.12 -16.51 -5.35
N ASN B 15 1.25 -17.20 -4.19
CA ASN B 15 2.43 -17.12 -3.33
C ASN B 15 3.61 -18.02 -3.62
N LEU B 16 4.61 -17.51 -4.35
CA LEU B 16 5.77 -18.25 -4.86
C LEU B 16 6.84 -17.27 -5.37
#